data_1RVE
#
_entry.id   1RVE
#
_cell.length_a   58.200
_cell.length_b   71.700
_cell.length_c   130.600
_cell.angle_alpha   90.00
_cell.angle_beta   90.00
_cell.angle_gamma   90.00
#
_symmetry.space_group_name_H-M   'P 21 21 21'
#
loop_
_entity.id
_entity.type
_entity.pdbx_description
1 polymer 'ENDONUCLEASE EcoR V'
2 water water
#
_entity_poly.entity_id   1
_entity_poly.type   'polypeptide(L)'
_entity_poly.pdbx_seq_one_letter_code
;MSLRSDLINALYDENQKYDVCGIISAEGKIYPLGSDTKVLSTIFELFSRPIINKIAEKHGYIVEEPKQQNHYPDFTLYKP
SEPNKKIAIDIKTTYTNKENEKIKFTLGGYTSFIRNNTKNIVYPFDQYIAHWIIGYVYTRVATRKSSLKTYNINELNEIP
KPYKGVKVFLQDKWVIAGDLAGSGNTTNIGSIHAHYKDFVEGKGIFDSEDEFLDYWRNYERTSQLRNDKYNNISEYRNWI
YRGRK
;
_entity_poly.pdbx_strand_id   A,B
#
# COMPACT_ATOMS: atom_id res chain seq x y z
N SER A 2 29.17 -2.12 13.93
CA SER A 2 28.36 -3.20 13.38
C SER A 2 27.36 -2.70 12.38
N LEU A 3 26.76 -3.66 11.74
CA LEU A 3 25.79 -3.34 10.78
C LEU A 3 24.67 -2.60 11.48
N ARG A 4 24.31 -3.07 12.67
CA ARG A 4 23.23 -2.43 13.42
C ARG A 4 23.45 -0.97 13.86
N SER A 5 24.51 -0.77 14.66
CA SER A 5 24.88 0.54 15.19
C SER A 5 24.97 1.55 14.09
N ASP A 6 25.70 1.17 13.05
CA ASP A 6 25.85 2.06 11.92
C ASP A 6 24.52 2.55 11.40
N LEU A 7 23.68 1.59 11.08
CA LEU A 7 22.34 1.88 10.55
C LEU A 7 21.53 2.74 11.52
N ILE A 8 21.74 2.55 12.82
CA ILE A 8 21.02 3.32 13.81
C ILE A 8 21.40 4.80 13.79
N ASN A 9 22.69 5.01 13.64
CA ASN A 9 23.24 6.33 13.59
C ASN A 9 22.77 6.93 12.32
N ALA A 10 22.56 6.05 11.39
CA ALA A 10 22.12 6.46 10.10
C ALA A 10 20.75 7.21 10.12
N LEU A 11 19.82 6.74 10.94
CA LEU A 11 18.52 7.40 10.99
C LEU A 11 18.38 8.47 12.05
N TYR A 12 19.26 8.43 13.05
CA TYR A 12 19.24 9.38 14.15
C TYR A 12 19.84 10.78 13.92
N ASP A 13 19.75 11.46 15.07
CA ASP A 13 20.18 12.79 15.42
C ASP A 13 20.56 13.74 14.31
N GLU A 14 21.90 13.87 14.16
CA GLU A 14 22.57 14.73 13.18
C GLU A 14 21.71 15.27 12.04
N ASN A 15 21.96 14.79 10.84
CA ASN A 15 21.23 15.20 9.68
C ASN A 15 20.40 14.04 9.16
N GLN A 16 19.09 14.23 9.21
CA GLN A 16 18.14 13.23 8.76
C GLN A 16 16.85 13.89 8.37
N LYS A 17 16.44 14.81 9.26
CA LYS A 17 15.24 15.64 9.21
C LYS A 17 14.34 15.42 8.02
N TYR A 18 13.45 14.45 8.15
CA TYR A 18 12.51 14.10 7.09
C TYR A 18 11.37 15.11 7.00
N ASP A 19 11.76 16.39 6.76
CA ASP A 19 10.84 17.56 6.61
C ASP A 19 10.40 17.80 5.18
N VAL A 20 9.61 16.90 4.67
CA VAL A 20 9.13 17.04 3.35
C VAL A 20 8.01 18.10 3.27
N CYS A 21 7.83 18.72 2.07
CA CYS A 21 6.82 19.76 1.83
C CYS A 21 5.88 19.39 0.80
N GLY A 22 6.38 18.92 -0.33
CA GLY A 22 5.45 18.55 -1.38
C GLY A 22 6.12 17.85 -2.52
N ILE A 23 5.40 17.76 -3.67
CA ILE A 23 5.94 17.13 -4.84
C ILE A 23 6.36 18.21 -5.81
N ILE A 24 7.56 18.08 -6.36
CA ILE A 24 8.04 19.07 -7.28
C ILE A 24 7.92 18.70 -8.74
N SER A 25 7.47 19.66 -9.51
CA SER A 25 7.31 19.43 -10.90
C SER A 25 8.53 19.85 -11.68
N ALA A 26 8.55 19.42 -12.95
CA ALA A 26 9.62 19.71 -13.89
C ALA A 26 9.69 21.23 -14.20
N GLU A 27 8.51 21.87 -14.24
CA GLU A 27 8.50 23.28 -14.50
C GLU A 27 8.89 23.93 -13.22
N GLY A 28 8.72 23.17 -12.13
CA GLY A 28 9.06 23.64 -10.81
C GLY A 28 7.88 24.05 -9.96
N LYS A 29 6.74 23.44 -10.19
CA LYS A 29 5.59 23.76 -9.40
C LYS A 29 5.53 22.82 -8.19
N ILE A 30 5.30 23.37 -7.03
CA ILE A 30 5.26 22.49 -5.89
C ILE A 30 3.84 22.19 -5.49
N TYR A 31 3.52 20.89 -5.42
CA TYR A 31 2.20 20.38 -5.04
C TYR A 31 2.29 19.95 -3.60
N PRO A 32 1.38 20.35 -2.81
CA PRO A 32 1.49 19.93 -1.43
C PRO A 32 1.06 18.50 -1.22
N LEU A 33 1.56 17.91 -0.15
CA LEU A 33 1.25 16.55 0.18
C LEU A 33 -0.19 16.24 0.38
N GLY A 34 -0.98 17.14 0.91
CA GLY A 34 -2.38 16.78 1.11
C GLY A 34 -2.46 15.95 2.39
N SER A 35 -3.68 15.83 2.95
CA SER A 35 -3.85 15.05 4.19
C SER A 35 -4.14 13.59 4.02
N ASP A 36 -3.11 12.74 4.29
CA ASP A 36 -3.29 11.31 4.16
C ASP A 36 -2.06 10.43 4.45
N THR A 37 -2.32 9.48 5.32
CA THR A 37 -1.34 8.53 5.75
C THR A 37 -0.69 7.77 4.59
N LYS A 38 -1.51 7.37 3.67
CA LYS A 38 -1.11 6.64 2.52
C LYS A 38 0.08 7.26 1.86
N VAL A 39 0.06 8.62 1.78
CA VAL A 39 1.14 9.35 1.16
C VAL A 39 2.36 9.33 1.99
N LEU A 40 2.20 9.80 3.22
CA LEU A 40 3.28 9.90 4.23
C LEU A 40 4.09 8.59 4.49
N SER A 41 3.45 7.47 4.65
CA SER A 41 4.26 6.32 4.89
C SER A 41 5.17 5.97 3.70
N THR A 42 4.63 6.15 2.50
CA THR A 42 5.36 5.86 1.28
C THR A 42 6.64 6.69 1.16
N ILE A 43 6.58 7.91 1.66
CA ILE A 43 7.69 8.83 1.61
C ILE A 43 8.82 8.41 2.55
N PHE A 44 8.38 7.83 3.64
CA PHE A 44 9.28 7.35 4.64
C PHE A 44 10.02 6.16 4.11
N GLU A 45 9.28 5.31 3.41
CA GLU A 45 9.86 4.12 2.83
C GLU A 45 10.92 4.56 1.85
N LEU A 46 10.62 5.67 1.20
CA LEU A 46 11.45 6.29 0.21
C LEU A 46 12.75 6.84 0.77
N PHE A 47 12.66 7.52 1.90
CA PHE A 47 13.87 8.08 2.52
C PHE A 47 14.85 6.97 3.01
N SER A 48 14.23 5.86 3.39
CA SER A 48 14.81 4.65 3.90
C SER A 48 15.71 3.93 2.93
N ARG A 49 15.21 3.63 1.74
CA ARG A 49 15.96 2.93 0.72
C ARG A 49 17.43 3.19 0.59
N PRO A 50 17.72 4.44 0.42
CA PRO A 50 19.07 4.93 0.26
C PRO A 50 19.91 4.84 1.48
N ILE A 51 19.31 4.96 2.63
CA ILE A 51 20.12 4.84 3.83
C ILE A 51 20.54 3.38 3.93
N ILE A 52 19.54 2.51 3.88
CA ILE A 52 19.73 1.10 3.95
C ILE A 52 20.75 0.58 2.95
N ASN A 53 20.73 1.10 1.71
CA ASN A 53 21.70 0.64 0.71
C ASN A 53 23.11 1.17 0.94
N LYS A 54 23.29 2.05 1.88
CA LYS A 54 24.64 2.50 2.06
C LYS A 54 25.34 1.86 3.30
N ILE A 55 24.61 1.54 4.31
CA ILE A 55 25.23 0.94 5.43
C ILE A 55 25.53 -0.53 5.10
N ALA A 56 24.66 -1.12 4.26
CA ALA A 56 24.80 -2.53 3.85
C ALA A 56 26.00 -2.76 2.99
N GLU A 57 26.08 -1.99 1.93
CA GLU A 57 27.18 -2.10 1.02
C GLU A 57 28.49 -1.88 1.79
N LYS A 58 28.41 -1.00 2.79
CA LYS A 58 29.52 -0.65 3.62
C LYS A 58 30.09 -1.84 4.21
N HIS A 59 29.20 -2.73 4.65
CA HIS A 59 29.56 -4.02 5.27
C HIS A 59 29.31 -5.21 4.30
N GLY A 60 29.72 -5.04 3.09
CA GLY A 60 29.57 -6.04 2.04
C GLY A 60 28.22 -6.74 1.84
N TYR A 61 27.14 -6.28 2.43
CA TYR A 61 25.92 -7.01 2.18
C TYR A 61 25.25 -6.65 0.91
N ILE A 62 24.24 -7.48 0.61
CA ILE A 62 23.39 -7.36 -0.57
C ILE A 62 21.97 -7.11 -0.09
N VAL A 63 21.37 -6.04 -0.63
CA VAL A 63 20.04 -5.70 -0.26
C VAL A 63 19.12 -6.28 -1.27
N GLU A 64 18.10 -6.99 -0.81
CA GLU A 64 17.15 -7.56 -1.74
C GLU A 64 15.67 -7.21 -1.43
N GLU A 65 14.92 -6.67 -2.42
CA GLU A 65 13.54 -6.32 -2.19
C GLU A 65 12.61 -7.31 -2.87
N PRO A 66 11.43 -7.52 -2.29
CA PRO A 66 10.51 -8.46 -2.91
C PRO A 66 10.24 -8.16 -4.37
N LYS A 67 9.51 -9.02 -5.03
CA LYS A 67 9.18 -8.84 -6.41
C LYS A 67 7.75 -9.18 -6.49
N GLN A 68 7.40 -10.15 -5.68
CA GLN A 68 6.07 -10.66 -5.55
C GLN A 68 5.30 -9.80 -4.58
N GLN A 69 4.00 -9.85 -4.66
CA GLN A 69 3.13 -9.05 -3.79
C GLN A 69 2.93 -9.58 -2.34
N ASN A 70 2.83 -8.61 -1.44
CA ASN A 70 2.64 -8.91 -0.07
C ASN A 70 3.58 -9.98 0.46
N HIS A 71 4.89 -9.87 0.19
CA HIS A 71 5.86 -10.86 0.66
C HIS A 71 6.87 -10.24 1.58
N TYR A 72 7.13 -10.91 2.69
CA TYR A 72 8.07 -10.48 3.71
C TYR A 72 9.48 -10.83 3.29
N PRO A 73 10.43 -9.95 3.60
CA PRO A 73 10.16 -8.69 4.28
C PRO A 73 10.54 -7.51 3.37
N ASP A 74 10.42 -6.28 3.89
CA ASP A 74 10.72 -5.09 3.13
C ASP A 74 12.06 -5.17 2.44
N PHE A 75 13.13 -5.33 3.23
CA PHE A 75 14.46 -5.42 2.69
C PHE A 75 15.16 -6.59 3.20
N THR A 76 15.85 -7.31 2.30
CA THR A 76 16.62 -8.49 2.69
C THR A 76 18.07 -8.14 2.54
N LEU A 77 18.84 -8.53 3.52
CA LEU A 77 20.24 -8.24 3.49
C LEU A 77 21.07 -9.47 3.74
N TYR A 78 21.93 -9.87 2.79
CA TYR A 78 22.78 -11.04 2.99
C TYR A 78 24.05 -11.03 2.15
N LYS A 79 25.03 -11.84 2.60
CA LYS A 79 26.31 -12.01 1.90
C LYS A 79 26.18 -13.37 1.24
N PRO A 80 26.35 -13.45 -0.10
CA PRO A 80 26.22 -14.69 -0.85
C PRO A 80 26.86 -15.90 -0.18
N SER A 81 28.13 -15.75 0.25
CA SER A 81 28.89 -16.84 0.89
C SER A 81 28.18 -17.43 2.08
N GLU A 82 27.33 -16.60 2.74
CA GLU A 82 26.59 -17.06 3.92
C GLU A 82 25.06 -16.92 3.92
N PRO A 83 24.41 -17.76 3.15
CA PRO A 83 22.97 -17.77 3.03
C PRO A 83 22.19 -18.00 4.30
N ASN A 84 22.78 -18.46 5.31
CA ASN A 84 21.92 -18.64 6.42
C ASN A 84 21.95 -17.53 7.42
N LYS A 85 22.85 -16.62 7.26
CA LYS A 85 22.90 -15.54 8.19
C LYS A 85 22.19 -14.34 7.61
N LYS A 86 20.95 -14.52 7.11
CA LYS A 86 20.23 -13.37 6.53
C LYS A 86 19.56 -12.50 7.59
N ILE A 87 19.30 -11.24 7.16
CA ILE A 87 18.65 -10.21 7.97
C ILE A 87 17.43 -9.64 7.30
N ALA A 88 16.40 -9.40 8.10
CA ALA A 88 15.16 -8.85 7.62
C ALA A 88 14.86 -7.50 8.28
N ILE A 89 14.39 -6.58 7.45
CA ILE A 89 14.01 -5.19 7.77
C ILE A 89 12.66 -4.86 7.14
N ASP A 90 11.71 -4.47 7.97
CA ASP A 90 10.38 -4.10 7.53
C ASP A 90 10.09 -2.70 8.00
N ILE A 91 9.78 -1.79 7.11
CA ILE A 91 9.49 -0.43 7.53
C ILE A 91 8.07 -0.30 8.08
N LYS A 92 7.92 0.32 9.25
CA LYS A 92 6.60 0.49 9.84
C LYS A 92 6.29 1.98 10.01
N THR A 93 5.06 2.38 9.81
CA THR A 93 4.74 3.79 10.00
C THR A 93 3.53 3.98 10.85
N THR A 94 3.54 4.97 11.71
CA THR A 94 2.39 5.22 12.55
C THR A 94 2.24 6.70 12.83
N TYR A 95 1.13 7.09 13.42
CA TYR A 95 0.94 8.49 13.72
C TYR A 95 0.11 8.70 14.95
N THR A 96 0.37 9.77 15.67
CA THR A 96 -0.41 10.02 16.86
C THR A 96 -1.23 11.29 16.65
N ASN A 97 -2.33 11.41 17.38
CA ASN A 97 -3.17 12.57 17.25
C ASN A 97 -2.59 13.72 17.99
N LYS A 98 -2.11 13.44 19.14
CA LYS A 98 -1.51 14.41 19.96
C LYS A 98 -0.08 13.98 20.12
N GLU A 99 0.80 14.93 20.15
CA GLU A 99 2.18 14.56 20.33
C GLU A 99 2.47 13.95 21.76
N ASN A 100 3.24 12.84 21.77
CA ASN A 100 3.62 12.14 22.97
C ASN A 100 2.64 11.04 23.44
N GLU A 101 1.57 10.80 22.71
CA GLU A 101 0.61 9.75 23.08
C GLU A 101 1.21 8.37 22.86
N LYS A 102 0.48 7.32 23.23
CA LYS A 102 0.97 5.98 23.03
C LYS A 102 0.80 5.54 21.54
N ILE A 103 1.88 5.08 20.93
CA ILE A 103 1.80 4.64 19.59
C ILE A 103 1.58 3.16 19.55
N LYS A 104 1.22 2.66 18.38
CA LYS A 104 0.99 1.23 18.20
C LYS A 104 1.06 0.86 16.73
N PHE A 105 1.72 -0.28 16.45
CA PHE A 105 1.94 -0.83 15.13
C PHE A 105 1.40 -2.23 14.88
N THR A 106 1.54 -2.56 13.61
CA THR A 106 1.16 -3.81 13.05
C THR A 106 2.49 -4.41 12.61
N LEU A 107 2.69 -5.70 12.91
CA LEU A 107 3.92 -6.32 12.56
C LEU A 107 3.87 -7.39 11.54
N GLY A 108 2.77 -7.52 10.85
CA GLY A 108 2.67 -8.54 9.84
C GLY A 108 1.92 -9.71 10.39
N GLY A 109 1.72 -10.72 9.57
CA GLY A 109 0.98 -11.94 9.91
C GLY A 109 1.58 -12.90 10.86
N TYR A 110 0.74 -13.80 11.32
CA TYR A 110 1.15 -14.82 12.25
C TYR A 110 0.73 -16.18 11.82
N THR A 111 0.32 -16.24 10.62
CA THR A 111 -0.11 -17.47 10.08
C THR A 111 0.60 -17.83 8.78
N SER A 112 1.56 -17.01 8.33
CA SER A 112 2.25 -17.38 7.12
C SER A 112 3.62 -17.97 7.50
N PHE A 113 4.71 -17.28 7.10
CA PHE A 113 6.10 -17.69 7.35
C PHE A 113 6.53 -18.00 8.79
N ILE A 114 5.67 -17.73 9.77
CA ILE A 114 5.97 -17.99 11.15
C ILE A 114 5.50 -19.38 11.48
N ARG A 115 4.61 -19.85 10.65
CA ARG A 115 4.06 -21.17 10.84
C ARG A 115 4.47 -22.16 9.79
N ASN A 116 4.84 -21.66 8.61
CA ASN A 116 5.27 -22.47 7.44
C ASN A 116 6.56 -21.83 6.83
N ASN A 117 7.70 -22.44 7.09
CA ASN A 117 9.01 -21.99 6.64
C ASN A 117 9.15 -21.26 5.31
N THR A 118 8.35 -21.63 4.35
CA THR A 118 8.45 -21.02 3.05
C THR A 118 7.20 -20.26 2.58
N LYS A 119 6.33 -19.92 3.51
CA LYS A 119 5.14 -19.24 3.17
C LYS A 119 5.08 -17.71 3.09
N ASN A 120 4.96 -17.18 1.88
CA ASN A 120 4.87 -15.73 1.69
C ASN A 120 5.99 -14.91 2.22
N ILE A 121 7.22 -15.35 1.98
CA ILE A 121 8.44 -14.68 2.42
C ILE A 121 9.50 -14.79 1.36
N VAL A 122 10.43 -13.85 1.34
CA VAL A 122 11.46 -13.90 0.33
C VAL A 122 12.33 -15.16 0.24
N TYR A 123 12.93 -15.54 1.38
CA TYR A 123 13.78 -16.70 1.51
C TYR A 123 13.22 -17.55 2.68
N PRO A 124 13.46 -18.88 2.76
CA PRO A 124 12.93 -19.67 3.89
C PRO A 124 13.24 -19.00 5.22
N PHE A 125 12.22 -18.91 6.03
CA PHE A 125 12.27 -18.31 7.32
C PHE A 125 13.51 -18.66 8.09
N ASP A 126 13.89 -19.87 8.00
CA ASP A 126 15.07 -20.25 8.74
C ASP A 126 16.37 -19.67 8.28
N GLN A 127 16.38 -18.95 7.20
CA GLN A 127 17.65 -18.42 6.79
C GLN A 127 17.90 -17.07 7.38
N TYR A 128 16.95 -16.57 8.14
CA TYR A 128 17.16 -15.27 8.70
C TYR A 128 17.52 -15.35 10.15
N ILE A 129 18.47 -14.54 10.57
CA ILE A 129 18.88 -14.54 11.95
C ILE A 129 18.20 -13.41 12.68
N ALA A 130 17.99 -12.26 11.95
CA ALA A 130 17.37 -11.08 12.55
C ALA A 130 16.20 -10.49 11.88
N HIS A 131 15.25 -10.03 12.67
CA HIS A 131 14.09 -9.39 12.09
C HIS A 131 13.88 -8.04 12.75
N TRP A 132 14.44 -7.04 12.08
CA TRP A 132 14.37 -5.69 12.53
C TRP A 132 13.17 -4.94 12.00
N ILE A 133 12.83 -3.90 12.75
CA ILE A 133 11.72 -3.01 12.47
C ILE A 133 12.16 -1.56 12.58
N ILE A 134 12.04 -0.84 11.47
CA ILE A 134 12.38 0.58 11.35
C ILE A 134 11.03 1.29 11.36
N GLY A 135 10.70 1.84 12.54
CA GLY A 135 9.45 2.55 12.73
C GLY A 135 9.60 4.08 12.62
N TYR A 136 8.54 4.71 12.06
CA TYR A 136 8.41 6.14 11.85
C TYR A 136 7.14 6.59 12.54
N VAL A 137 7.29 7.56 13.41
CA VAL A 137 6.19 8.12 14.18
C VAL A 137 6.08 9.58 13.85
N TYR A 138 4.86 10.07 13.61
CA TYR A 138 4.62 11.46 13.29
C TYR A 138 3.25 11.91 13.78
N THR A 139 3.15 13.17 14.18
CA THR A 139 1.92 13.74 14.68
C THR A 139 1.14 14.32 13.56
N ARG A 140 -0.05 13.82 13.33
CA ARG A 140 -0.89 14.34 12.24
C ARG A 140 -1.29 15.82 12.41
N VAL A 141 -1.19 16.58 11.39
CA VAL A 141 -1.61 17.92 11.61
C VAL A 141 -2.89 18.14 10.88
N ALA A 142 -4.02 18.10 11.60
CA ALA A 142 -5.32 18.30 10.96
C ALA A 142 -5.48 17.46 9.70
N THR A 143 -6.56 17.72 8.95
CA THR A 143 -6.80 16.97 7.74
C THR A 143 -7.13 17.87 6.55
N ARG A 144 -7.73 19.02 6.83
CA ARG A 144 -8.10 19.96 5.80
C ARG A 144 -8.89 19.27 4.69
N LYS A 145 -8.45 19.42 3.44
CA LYS A 145 -9.15 18.78 2.34
C LYS A 145 -8.38 18.81 1.02
N SER A 146 -9.09 19.16 -0.04
CA SER A 146 -8.52 19.23 -1.38
C SER A 146 -7.50 20.35 -1.51
N SER A 147 -6.92 20.49 -2.69
CA SER A 147 -5.92 21.53 -2.91
C SER A 147 -6.00 22.22 -4.28
N LEU A 148 -5.09 21.83 -5.18
CA LEU A 148 -5.02 22.39 -6.52
C LEU A 148 -4.21 23.68 -6.50
N LYS A 149 -3.77 24.00 -5.29
CA LYS A 149 -2.97 25.18 -4.99
C LYS A 149 -1.51 24.79 -5.12
N THR A 150 -0.87 25.48 -5.98
CA THR A 150 0.47 25.29 -6.27
C THR A 150 1.29 26.37 -5.62
N TYR A 151 2.51 26.06 -5.36
CA TYR A 151 3.37 27.03 -4.76
C TYR A 151 4.66 27.04 -5.51
N ASN A 152 5.50 28.01 -5.18
CA ASN A 152 6.76 28.13 -5.84
C ASN A 152 7.85 28.04 -4.85
N ILE A 153 9.07 27.98 -5.34
CA ILE A 153 10.19 27.88 -4.46
C ILE A 153 10.22 28.98 -3.45
N ASN A 154 9.58 30.07 -3.77
CA ASN A 154 9.59 31.13 -2.85
C ASN A 154 8.47 30.98 -1.84
N GLU A 155 7.59 30.01 -2.02
CA GLU A 155 6.51 29.85 -1.04
C GLU A 155 6.68 28.64 -0.12
N LEU A 156 7.92 28.12 -0.11
CA LEU A 156 8.35 26.97 0.66
C LEU A 156 7.87 26.95 2.05
N ASN A 157 8.03 28.08 2.73
CA ASN A 157 7.62 28.16 4.09
C ASN A 157 6.16 28.47 4.28
N GLU A 158 5.49 28.77 3.22
CA GLU A 158 4.10 29.10 3.24
C GLU A 158 3.27 27.81 3.03
N ILE A 159 3.96 26.70 2.73
CA ILE A 159 3.32 25.40 2.48
C ILE A 159 2.87 24.66 3.72
N PRO A 160 1.61 24.23 3.72
CA PRO A 160 0.99 23.50 4.86
C PRO A 160 1.36 22.00 4.97
N LYS A 161 2.09 21.62 6.06
CA LYS A 161 2.50 20.24 6.29
C LYS A 161 1.50 19.46 7.08
N PRO A 162 1.21 18.23 6.65
CA PRO A 162 0.24 17.34 7.29
C PRO A 162 0.78 16.57 8.47
N TYR A 163 1.96 16.90 8.89
CA TYR A 163 2.49 16.18 10.01
C TYR A 163 3.49 16.99 10.74
N LYS A 164 3.81 16.51 11.90
CA LYS A 164 4.74 17.17 12.73
C LYS A 164 5.69 16.11 13.37
N GLY A 165 6.53 16.54 14.33
CA GLY A 165 7.53 15.72 15.11
C GLY A 165 7.77 14.21 14.79
N VAL A 166 8.58 13.97 13.74
CA VAL A 166 8.96 12.67 13.25
C VAL A 166 10.04 11.99 14.06
N LYS A 167 9.73 10.76 14.42
CA LYS A 167 10.63 9.95 15.16
C LYS A 167 10.73 8.64 14.49
N VAL A 168 11.89 8.06 14.62
CA VAL A 168 12.18 6.80 14.06
C VAL A 168 12.96 5.98 15.09
N PHE A 169 12.94 4.67 14.93
CA PHE A 169 13.65 3.77 15.82
C PHE A 169 13.95 2.52 15.07
N LEU A 170 14.90 1.75 15.63
CA LEU A 170 15.33 0.47 15.08
C LEU A 170 15.21 -0.49 16.22
N GLN A 171 14.51 -1.57 15.96
CA GLN A 171 14.29 -2.56 16.96
C GLN A 171 14.02 -3.92 16.39
N ASP A 172 14.20 -4.89 17.25
CA ASP A 172 13.99 -6.27 16.92
C ASP A 172 12.52 -6.53 16.95
N LYS A 173 12.04 -7.19 15.95
CA LYS A 173 10.61 -7.48 15.87
C LYS A 173 9.96 -8.13 17.09
N TRP A 174 10.65 -9.16 17.63
CA TRP A 174 10.19 -9.90 18.80
C TRP A 174 10.20 -9.09 20.07
N VAL A 175 11.00 -8.05 20.11
CA VAL A 175 11.07 -7.21 21.29
C VAL A 175 9.90 -6.19 21.50
N ILE A 176 9.31 -5.65 20.46
CA ILE A 176 8.24 -4.71 20.66
C ILE A 176 6.86 -5.28 20.29
N ALA A 177 6.85 -6.58 19.99
CA ALA A 177 5.65 -7.28 19.63
C ALA A 177 4.76 -7.47 20.85
N GLY A 178 3.47 -7.60 20.63
CA GLY A 178 2.54 -7.75 21.72
C GLY A 178 1.85 -9.08 21.69
N ASP A 179 0.89 -9.17 22.58
CA ASP A 179 0.11 -10.38 22.73
C ASP A 179 -1.24 -10.38 22.01
N LEU A 180 -1.72 -9.23 21.50
CA LEU A 180 -3.06 -9.20 20.80
C LEU A 180 -2.97 -9.06 19.34
N ALA A 181 -3.82 -9.75 18.63
CA ALA A 181 -3.69 -9.57 17.23
C ALA A 181 -4.14 -8.16 16.89
N GLY A 182 -3.62 -7.59 15.83
CA GLY A 182 -4.05 -6.24 15.51
C GLY A 182 -5.55 -6.19 15.10
N SER A 183 -6.05 -4.96 14.91
CA SER A 183 -7.43 -4.71 14.51
C SER A 183 -7.41 -4.68 13.00
N GLY A 184 -8.40 -5.26 12.34
CA GLY A 184 -8.39 -5.25 10.90
C GLY A 184 -7.39 -6.30 10.45
N ASN A 185 -7.94 -7.48 10.21
CA ASN A 185 -7.26 -8.70 9.78
C ASN A 185 -7.32 -9.74 10.88
N THR A 186 -6.69 -9.42 12.01
CA THR A 186 -6.64 -10.33 13.14
C THR A 186 -5.92 -11.59 12.73
N THR A 187 -5.25 -11.43 11.60
CA THR A 187 -4.46 -12.39 10.92
C THR A 187 -3.04 -11.92 11.11
N ASN A 188 -2.98 -10.66 11.58
CA ASN A 188 -1.70 -9.99 11.82
C ASN A 188 -1.31 -9.49 13.22
N ILE A 189 -0.08 -9.77 13.62
CA ILE A 189 0.50 -9.39 14.93
C ILE A 189 0.44 -7.91 15.33
N GLY A 190 -0.22 -7.63 16.44
CA GLY A 190 -0.28 -6.25 16.91
C GLY A 190 0.96 -6.00 17.81
N SER A 191 1.54 -4.79 17.82
CA SER A 191 2.75 -4.46 18.64
C SER A 191 2.41 -4.09 20.08
N ILE A 192 3.44 -3.74 20.92
CA ILE A 192 3.12 -3.33 22.28
C ILE A 192 2.46 -1.97 22.08
N HIS A 193 1.64 -1.48 23.02
CA HIS A 193 0.97 -0.17 22.94
C HIS A 193 1.60 0.79 23.94
N ALA A 194 2.56 1.61 23.45
CA ALA A 194 3.22 2.53 24.37
C ALA A 194 3.89 3.75 23.79
N HIS A 195 4.58 4.46 24.69
CA HIS A 195 5.28 5.66 24.37
C HIS A 195 6.50 5.28 23.65
N TYR A 196 6.68 5.97 22.56
CA TYR A 196 7.79 5.83 21.64
C TYR A 196 9.04 5.32 22.35
N LYS A 197 9.34 5.96 23.43
CA LYS A 197 10.48 5.67 24.27
C LYS A 197 10.69 4.19 24.65
N ASP A 198 9.60 3.51 24.91
CA ASP A 198 9.60 2.13 25.27
C ASP A 198 10.03 1.28 24.08
N PHE A 199 9.75 1.81 22.86
CA PHE A 199 10.13 1.09 21.66
C PHE A 199 11.63 1.10 21.57
N VAL A 200 12.12 2.30 21.74
CA VAL A 200 13.48 2.55 21.70
C VAL A 200 14.13 1.95 22.88
N GLU A 201 13.45 1.90 24.00
CA GLU A 201 14.10 1.31 25.17
C GLU A 201 14.13 -0.19 25.02
N GLY A 202 13.05 -0.70 24.43
CA GLY A 202 12.89 -2.12 24.20
C GLY A 202 12.00 -2.76 25.26
N LYS A 203 11.42 -1.96 26.11
CA LYS A 203 10.56 -2.50 27.12
C LYS A 203 9.43 -3.26 26.55
N GLY A 204 9.54 -4.57 26.54
CA GLY A 204 8.47 -5.40 25.99
C GLY A 204 7.61 -6.22 26.96
N ILE A 205 7.05 -7.30 26.41
CA ILE A 205 6.19 -8.25 27.07
C ILE A 205 6.77 -9.65 27.07
N PHE A 206 7.41 -9.97 25.98
CA PHE A 206 7.98 -11.25 25.82
C PHE A 206 9.31 -11.34 26.45
N ASP A 207 9.65 -12.57 26.85
CA ASP A 207 10.90 -12.94 27.51
C ASP A 207 12.08 -13.19 26.61
N SER A 208 11.79 -13.54 25.42
CA SER A 208 12.81 -13.83 24.48
C SER A 208 12.15 -14.08 23.17
N GLU A 209 12.95 -14.10 22.14
CA GLU A 209 12.46 -14.34 20.83
C GLU A 209 11.81 -15.70 20.76
N ASP A 210 12.17 -16.57 21.71
CA ASP A 210 11.60 -17.88 21.68
C ASP A 210 10.20 -17.94 22.16
N GLU A 211 9.93 -17.14 23.17
CA GLU A 211 8.62 -17.07 23.76
C GLU A 211 7.66 -16.41 22.81
N PHE A 212 8.23 -15.47 22.07
CA PHE A 212 7.51 -14.72 21.08
C PHE A 212 6.97 -15.65 20.02
N LEU A 213 7.88 -16.43 19.44
CA LEU A 213 7.49 -17.37 18.40
C LEU A 213 6.46 -18.38 18.84
N ASP A 214 6.62 -18.85 20.07
CA ASP A 214 5.73 -19.85 20.64
C ASP A 214 4.33 -19.36 20.80
N TYR A 215 4.21 -18.23 21.45
CA TYR A 215 2.93 -17.63 21.67
C TYR A 215 2.24 -17.47 20.35
N TRP A 216 2.99 -16.94 19.41
CA TRP A 216 2.47 -16.70 18.07
C TRP A 216 2.17 -17.92 17.23
N ARG A 217 2.81 -19.01 17.50
CA ARG A 217 2.49 -20.11 16.67
C ARG A 217 1.29 -20.87 17.17
N ASN A 218 1.04 -20.74 18.46
CA ASN A 218 -0.08 -21.43 19.08
C ASN A 218 -1.31 -20.56 19.25
N TYR A 219 -1.21 -19.32 18.83
CA TYR A 219 -2.32 -18.40 18.94
C TYR A 219 -3.50 -18.94 18.16
N GLU A 220 -4.62 -19.24 18.85
CA GLU A 220 -5.81 -19.75 18.16
C GLU A 220 -6.46 -18.64 17.40
N ARG A 221 -6.58 -18.83 16.08
CA ARG A 221 -7.17 -17.89 15.17
C ARG A 221 -8.65 -17.61 15.37
N THR A 222 -9.28 -18.35 16.27
CA THR A 222 -10.71 -18.15 16.53
C THR A 222 -11.00 -17.64 17.94
N SER A 223 -11.88 -16.63 18.00
CA SER A 223 -12.29 -15.99 19.25
C SER A 223 -12.49 -16.95 20.42
N GLN A 224 -13.54 -17.78 20.34
CA GLN A 224 -13.81 -18.72 21.40
C GLN A 224 -12.65 -19.68 21.60
N LEU A 225 -12.09 -20.19 20.50
CA LEU A 225 -10.98 -21.10 20.59
C LEU A 225 -9.85 -20.44 21.37
N ARG A 226 -9.80 -19.11 21.26
CA ARG A 226 -8.81 -18.33 21.95
C ARG A 226 -9.03 -18.50 23.44
N ASN A 227 -10.31 -18.65 23.78
CA ASN A 227 -10.72 -18.83 25.15
C ASN A 227 -10.23 -20.19 25.62
N ASP A 228 -10.02 -21.06 24.64
CA ASP A 228 -9.55 -22.43 24.88
C ASP A 228 -8.12 -22.46 25.39
N LYS A 229 -7.24 -21.76 24.69
CA LYS A 229 -5.86 -21.71 25.07
C LYS A 229 -5.57 -20.46 25.85
N TYR A 230 -5.05 -19.45 25.19
CA TYR A 230 -4.74 -18.24 25.85
C TYR A 230 -5.16 -17.04 25.03
N ASN A 231 -5.41 -15.95 25.74
CA ASN A 231 -5.82 -14.75 25.07
C ASN A 231 -4.82 -13.66 25.23
N ASN A 232 -3.80 -13.97 25.97
CA ASN A 232 -2.78 -13.01 26.23
C ASN A 232 -1.66 -13.64 27.03
N ILE A 233 -0.59 -12.89 27.12
CA ILE A 233 0.58 -13.29 27.82
C ILE A 233 0.25 -13.94 29.15
N SER A 234 -0.84 -13.53 29.76
CA SER A 234 -1.18 -14.13 31.01
C SER A 234 -1.76 -15.51 30.85
N GLU A 235 -2.77 -15.63 30.10
CA GLU A 235 -3.28 -16.95 29.96
C GLU A 235 -2.30 -17.82 29.21
N TYR A 236 -1.33 -17.20 28.51
CA TYR A 236 -0.36 -18.01 27.80
C TYR A 236 0.52 -18.72 28.86
N ARG A 237 0.96 -17.98 29.90
CA ARG A 237 1.81 -18.53 31.01
C ARG A 237 1.16 -19.70 31.73
N ASN A 238 -0.13 -19.58 31.94
CA ASN A 238 -0.92 -20.60 32.60
C ASN A 238 -0.91 -21.85 31.78
N TRP A 239 -1.42 -21.71 30.57
CA TRP A 239 -1.50 -22.77 29.62
C TRP A 239 -0.20 -23.51 29.64
N ILE A 240 0.89 -22.75 29.79
CA ILE A 240 2.20 -23.34 29.85
C ILE A 240 2.29 -24.25 31.03
N TYR A 241 1.90 -23.70 32.21
CA TYR A 241 1.91 -24.43 33.49
C TYR A 241 0.99 -25.65 33.54
N ARG A 242 -0.09 -25.59 32.80
CA ARG A 242 -1.05 -26.67 32.76
C ARG A 242 -0.63 -27.87 31.92
N GLY A 243 0.29 -27.69 30.98
CA GLY A 243 0.71 -28.83 30.19
C GLY A 243 0.62 -28.61 28.71
N ARG A 244 0.44 -27.35 28.27
CA ARG A 244 0.34 -27.02 26.84
C ARG A 244 -0.84 -27.60 26.23
N LYS A 245 -1.81 -27.63 27.08
CA LYS A 245 -3.12 -28.11 26.81
C LYS A 245 -3.99 -27.50 27.89
N SER B 2 -21.48 15.85 -19.81
CA SER B 2 -21.91 15.17 -18.62
C SER B 2 -20.75 14.98 -17.66
N LEU B 3 -21.06 14.36 -16.53
CA LEU B 3 -20.11 14.05 -15.45
C LEU B 3 -19.00 13.22 -16.06
N ARG B 4 -19.36 12.07 -16.60
CA ARG B 4 -18.35 11.20 -17.21
C ARG B 4 -17.42 11.91 -18.16
N SER B 5 -18.04 12.76 -19.00
CA SER B 5 -17.33 13.55 -19.99
C SER B 5 -16.43 14.61 -19.41
N ASP B 6 -16.96 15.48 -18.59
CA ASP B 6 -16.09 16.49 -18.03
C ASP B 6 -14.93 15.89 -17.33
N LEU B 7 -15.22 14.80 -16.73
CA LEU B 7 -14.27 14.05 -15.96
C LEU B 7 -13.17 13.49 -16.78
N ILE B 8 -13.48 12.80 -17.79
CA ILE B 8 -12.32 12.33 -18.46
C ILE B 8 -11.58 13.43 -19.20
N ASN B 9 -12.29 14.50 -19.50
CA ASN B 9 -11.67 15.58 -20.20
C ASN B 9 -10.76 16.32 -19.28
N ALA B 10 -11.16 16.45 -18.05
CA ALA B 10 -10.31 17.16 -17.11
C ALA B 10 -9.07 16.34 -16.73
N LEU B 11 -9.17 15.04 -16.97
CA LEU B 11 -8.11 14.11 -16.71
C LEU B 11 -7.12 14.17 -17.81
N TYR B 12 -7.61 14.43 -19.05
CA TYR B 12 -6.71 14.50 -20.18
C TYR B 12 -5.83 15.73 -20.13
N ASP B 13 -6.41 16.87 -19.80
CA ASP B 13 -5.63 18.09 -19.74
C ASP B 13 -4.68 18.19 -18.57
N GLU B 14 -5.13 17.79 -17.39
CA GLU B 14 -4.30 17.85 -16.18
C GLU B 14 -3.34 16.69 -15.95
N ASN B 15 -3.68 15.50 -16.43
CA ASN B 15 -2.78 14.37 -16.22
C ASN B 15 -1.93 14.01 -17.42
N GLN B 16 -1.35 15.05 -17.99
CA GLN B 16 -0.46 15.01 -19.13
C GLN B 16 0.70 15.90 -18.82
N LYS B 17 0.34 17.06 -18.28
CA LYS B 17 1.29 18.08 -17.90
C LYS B 17 1.38 18.15 -16.37
N TYR B 18 2.60 17.93 -15.88
CA TYR B 18 2.91 17.95 -14.45
C TYR B 18 4.24 17.31 -14.14
N ASP B 19 4.81 16.62 -15.15
CA ASP B 19 6.09 15.90 -15.08
C ASP B 19 6.95 16.12 -13.86
N VAL B 20 6.45 15.52 -12.76
CA VAL B 20 7.01 15.52 -11.39
C VAL B 20 8.31 14.79 -11.33
N CYS B 21 9.27 15.33 -10.58
CA CYS B 21 10.53 14.66 -10.51
C CYS B 21 11.01 14.46 -9.16
N GLY B 22 10.26 14.87 -8.17
CA GLY B 22 10.77 14.65 -6.88
C GLY B 22 9.92 15.16 -5.80
N ILE B 23 10.53 15.05 -4.64
CA ILE B 23 10.05 15.42 -3.35
C ILE B 23 10.95 16.49 -2.80
N ILE B 24 10.33 17.56 -2.45
CA ILE B 24 11.05 18.67 -1.93
C ILE B 24 10.69 18.92 -0.51
N SER B 25 11.74 19.27 0.25
CA SER B 25 11.70 19.55 1.67
C SER B 25 11.79 21.01 2.01
N ALA B 26 11.70 21.27 3.31
CA ALA B 26 11.79 22.64 3.71
C ALA B 26 13.20 23.21 3.54
N GLU B 27 14.18 22.37 3.23
CA GLU B 27 15.55 22.84 3.04
C GLU B 27 15.79 23.23 1.57
N GLY B 28 14.97 22.68 0.70
CA GLY B 28 15.10 22.95 -0.71
C GLY B 28 15.74 21.74 -1.38
N LYS B 29 15.96 20.70 -0.58
CA LYS B 29 16.55 19.49 -1.12
C LYS B 29 15.46 18.78 -1.89
N ILE B 30 15.83 18.02 -2.90
CA ILE B 30 14.90 17.30 -3.73
C ILE B 30 15.37 15.88 -3.96
N TYR B 31 14.65 14.93 -3.39
CA TYR B 31 14.99 13.53 -3.52
C TYR B 31 14.26 12.92 -4.71
N PRO B 32 14.93 12.21 -5.60
CA PRO B 32 14.32 11.57 -6.77
C PRO B 32 13.17 10.69 -6.32
N LEU B 33 12.44 10.12 -7.32
CA LEU B 33 11.28 9.24 -7.08
C LEU B 33 11.41 7.74 -7.30
N GLY B 34 12.22 7.32 -8.26
CA GLY B 34 12.33 5.91 -8.54
C GLY B 34 11.01 5.55 -9.29
N SER B 35 11.11 4.67 -10.31
CA SER B 35 9.96 4.23 -11.11
C SER B 35 9.02 3.23 -10.37
N ASP B 36 9.09 3.08 -8.97
CA ASP B 36 8.22 2.12 -8.21
C ASP B 36 6.72 2.43 -8.21
N THR B 37 5.95 1.43 -8.62
CA THR B 37 4.51 1.55 -8.71
C THR B 37 3.97 2.05 -7.41
N LYS B 38 4.72 1.73 -6.33
CA LYS B 38 4.41 2.10 -4.94
C LYS B 38 4.30 3.63 -4.69
N VAL B 39 5.23 4.39 -5.27
CA VAL B 39 5.26 5.84 -5.13
C VAL B 39 4.53 6.54 -6.24
N LEU B 40 4.48 5.94 -7.42
CA LEU B 40 3.79 6.62 -8.50
C LEU B 40 2.30 6.56 -8.39
N SER B 41 1.81 5.50 -7.82
CA SER B 41 0.39 5.36 -7.69
C SER B 41 -0.22 6.36 -6.70
N THR B 42 0.48 6.62 -5.54
CA THR B 42 0.08 7.56 -4.47
C THR B 42 0.10 8.96 -5.07
N ILE B 43 1.03 9.13 -6.00
CA ILE B 43 1.15 10.39 -6.67
C ILE B 43 -0.05 10.57 -7.59
N PHE B 44 -0.40 9.52 -8.31
CA PHE B 44 -1.52 9.63 -9.19
C PHE B 44 -2.79 9.89 -8.42
N GLU B 45 -2.93 9.26 -7.25
CA GLU B 45 -4.14 9.53 -6.50
C GLU B 45 -4.23 11.02 -6.00
N LEU B 46 -3.08 11.57 -5.61
CA LEU B 46 -2.91 12.94 -5.14
C LEU B 46 -3.41 13.91 -6.21
N PHE B 47 -2.93 13.67 -7.39
CA PHE B 47 -3.33 14.48 -8.45
C PHE B 47 -4.77 14.36 -8.68
N SER B 48 -5.28 13.15 -8.77
CA SER B 48 -6.70 12.95 -9.03
C SER B 48 -7.73 13.66 -8.09
N ARG B 49 -7.51 13.55 -6.76
CA ARG B 49 -8.39 14.17 -5.73
C ARG B 49 -9.13 15.49 -6.16
N PRO B 50 -8.41 16.58 -6.26
CA PRO B 50 -8.99 17.86 -6.66
C PRO B 50 -9.77 17.90 -8.01
N ILE B 51 -9.27 17.26 -9.04
CA ILE B 51 -10.01 17.30 -10.29
C ILE B 51 -11.28 16.57 -10.11
N ILE B 52 -11.27 15.45 -9.35
CA ILE B 52 -12.51 14.72 -9.16
C ILE B 52 -13.51 15.58 -8.45
N ASN B 53 -13.03 16.30 -7.41
CA ASN B 53 -13.88 17.20 -6.64
C ASN B 53 -14.43 18.34 -7.46
N LYS B 54 -13.54 19.12 -8.10
CA LYS B 54 -13.99 20.26 -8.94
C LYS B 54 -15.12 19.95 -9.93
N ILE B 55 -15.03 18.77 -10.54
CA ILE B 55 -16.03 18.33 -11.49
C ILE B 55 -17.27 17.81 -10.86
N ALA B 56 -17.16 17.16 -9.75
CA ALA B 56 -18.38 16.68 -9.14
C ALA B 56 -19.20 17.89 -8.70
N GLU B 57 -18.52 18.79 -7.97
CA GLU B 57 -19.12 19.99 -7.50
C GLU B 57 -19.75 20.66 -8.66
N LYS B 58 -19.07 20.58 -9.82
CA LYS B 58 -19.60 21.20 -11.02
C LYS B 58 -21.02 20.75 -11.33
N HIS B 59 -21.24 19.42 -11.27
CA HIS B 59 -22.54 18.80 -11.56
C HIS B 59 -23.44 18.58 -10.38
N GLY B 60 -23.06 19.10 -9.22
CA GLY B 60 -23.88 18.96 -8.01
C GLY B 60 -23.75 17.64 -7.25
N TYR B 61 -22.60 17.03 -7.33
CA TYR B 61 -22.49 15.81 -6.64
C TYR B 61 -21.69 16.01 -5.52
N ILE B 62 -21.97 15.22 -4.52
CA ILE B 62 -21.26 15.20 -3.25
C ILE B 62 -20.18 14.11 -3.37
N VAL B 63 -18.99 14.37 -2.87
CA VAL B 63 -17.93 13.39 -2.96
C VAL B 63 -17.56 12.87 -1.62
N GLU B 64 -17.45 11.52 -1.47
CA GLU B 64 -17.07 10.95 -0.18
C GLU B 64 -15.91 9.95 -0.31
N GLU B 65 -15.05 9.97 0.68
CA GLU B 65 -13.87 9.11 0.78
C GLU B 65 -13.95 8.20 2.03
N PRO B 66 -13.43 6.99 1.90
CA PRO B 66 -13.47 6.06 3.03
C PRO B 66 -12.78 6.64 4.23
N LYS B 67 -13.41 6.53 5.41
CA LYS B 67 -12.76 7.07 6.63
C LYS B 67 -11.77 6.05 7.23
N GLN B 68 -11.98 4.85 6.71
CA GLN B 68 -11.29 3.61 6.93
C GLN B 68 -10.35 3.44 5.75
N GLN B 69 -9.18 2.90 5.99
CA GLN B 69 -8.30 2.78 4.86
C GLN B 69 -8.46 1.64 3.91
N ASN B 70 -8.89 0.51 4.42
CA ASN B 70 -9.06 -0.64 3.56
C ASN B 70 -10.47 -0.70 2.94
N HIS B 71 -11.03 0.45 2.59
CA HIS B 71 -12.35 0.46 2.05
C HIS B 71 -12.53 0.97 0.62
N TYR B 72 -13.58 0.42 -0.02
CA TYR B 72 -13.99 0.72 -1.38
C TYR B 72 -15.26 1.50 -1.32
N PRO B 73 -15.39 2.46 -2.20
CA PRO B 73 -14.38 2.74 -3.17
C PRO B 73 -13.65 4.01 -2.82
N ASP B 74 -12.69 4.38 -3.65
CA ASP B 74 -11.91 5.58 -3.44
C ASP B 74 -12.70 6.79 -3.21
N PHE B 75 -13.69 6.95 -4.04
CA PHE B 75 -14.57 8.10 -3.97
C PHE B 75 -15.97 7.71 -4.27
N THR B 76 -16.88 8.15 -3.41
CA THR B 76 -18.29 7.89 -3.57
C THR B 76 -18.93 9.22 -4.02
N LEU B 77 -19.63 9.18 -5.16
CA LEU B 77 -20.29 10.38 -5.70
C LEU B 77 -21.81 10.29 -5.63
N TYR B 78 -22.45 11.36 -5.22
CA TYR B 78 -23.86 11.33 -5.14
C TYR B 78 -24.46 12.67 -5.16
N LYS B 79 -25.68 12.67 -5.69
CA LYS B 79 -26.53 13.79 -5.83
C LYS B 79 -27.60 13.65 -4.71
N PRO B 80 -27.66 14.62 -3.76
CA PRO B 80 -28.63 14.60 -2.65
C PRO B 80 -30.04 14.41 -3.20
N SER B 81 -30.26 14.99 -4.37
CA SER B 81 -31.54 14.87 -5.00
C SER B 81 -31.96 13.39 -5.18
N GLU B 82 -30.99 12.50 -5.15
CA GLU B 82 -31.27 11.09 -5.28
C GLU B 82 -30.21 10.31 -4.57
N PRO B 83 -30.23 10.39 -3.31
CA PRO B 83 -29.25 9.72 -2.47
C PRO B 83 -28.99 8.21 -2.70
N ASN B 84 -29.84 7.50 -3.47
CA ASN B 84 -29.62 6.04 -3.68
C ASN B 84 -28.96 5.57 -4.96
N LYS B 85 -28.52 6.51 -5.73
CA LYS B 85 -27.90 6.16 -6.93
C LYS B 85 -26.47 6.61 -6.79
N LYS B 86 -25.60 5.76 -6.32
CA LYS B 86 -24.26 6.26 -6.21
C LYS B 86 -23.32 5.73 -7.26
N ILE B 87 -22.26 6.49 -7.43
CA ILE B 87 -21.20 6.21 -8.35
C ILE B 87 -19.91 6.02 -7.56
N ALA B 88 -19.22 4.92 -7.86
CA ALA B 88 -17.97 4.54 -7.27
C ALA B 88 -16.82 4.76 -8.28
N ILE B 89 -15.77 5.45 -7.81
CA ILE B 89 -14.59 5.72 -8.63
C ILE B 89 -13.38 5.26 -7.84
N ASP B 90 -12.55 4.36 -8.45
CA ASP B 90 -11.32 3.81 -7.82
C ASP B 90 -10.18 4.20 -8.72
N ILE B 91 -9.08 4.46 -8.13
CA ILE B 91 -7.95 4.86 -8.91
C ILE B 91 -6.94 3.79 -9.09
N LYS B 92 -6.64 3.45 -10.33
CA LYS B 92 -5.70 2.39 -10.60
C LYS B 92 -4.54 2.87 -11.40
N THR B 93 -3.41 2.26 -11.13
CA THR B 93 -2.20 2.62 -11.81
C THR B 93 -1.37 1.42 -12.13
N THR B 94 -0.73 1.48 -13.27
CA THR B 94 0.13 0.44 -13.72
C THR B 94 1.23 1.04 -14.58
N TYR B 95 2.23 0.26 -15.00
CA TYR B 95 3.33 0.80 -15.84
C TYR B 95 3.52 -0.02 -17.13
N THR B 96 4.37 0.49 -18.03
CA THR B 96 4.63 -0.20 -19.24
C THR B 96 6.08 -0.10 -19.52
N ASN B 97 6.68 -1.16 -19.97
CA ASN B 97 8.11 -1.09 -20.27
C ASN B 97 8.35 -0.69 -21.75
N LYS B 98 7.35 -0.91 -22.57
CA LYS B 98 7.45 -0.58 -23.95
C LYS B 98 6.19 0.03 -24.46
N GLU B 99 6.30 1.22 -25.05
CA GLU B 99 5.17 1.88 -25.57
C GLU B 99 4.35 0.94 -26.43
N ASN B 100 3.05 0.94 -26.30
CA ASN B 100 2.27 0.02 -27.14
C ASN B 100 2.55 -1.47 -26.92
N GLU B 101 2.25 -1.93 -25.73
CA GLU B 101 2.43 -3.29 -25.34
C GLU B 101 1.33 -3.58 -24.35
N LYS B 102 0.90 -4.81 -24.26
CA LYS B 102 -0.16 -5.14 -23.32
C LYS B 102 0.17 -4.85 -21.90
N ILE B 103 -0.85 -4.37 -21.19
CA ILE B 103 -0.75 -4.02 -19.79
C ILE B 103 -1.83 -4.74 -19.00
N LYS B 104 -1.81 -4.54 -17.69
CA LYS B 104 -2.79 -5.16 -16.85
C LYS B 104 -2.86 -4.45 -15.54
N PHE B 105 -3.97 -4.62 -14.83
CA PHE B 105 -4.24 -4.00 -13.54
C PHE B 105 -4.91 -5.00 -12.61
N THR B 106 -5.04 -4.57 -11.39
CA THR B 106 -5.69 -5.32 -10.37
C THR B 106 -6.92 -4.53 -10.03
N LEU B 107 -8.09 -5.14 -9.78
CA LEU B 107 -9.28 -4.34 -9.47
C LEU B 107 -9.97 -4.64 -8.15
N GLY B 108 -9.22 -4.80 -7.09
CA GLY B 108 -9.88 -5.08 -5.82
C GLY B 108 -10.21 -6.55 -5.65
N GLY B 109 -10.72 -6.88 -4.45
CA GLY B 109 -11.05 -8.23 -4.14
C GLY B 109 -12.47 -8.64 -4.42
N TYR B 110 -12.59 -9.95 -4.63
CA TYR B 110 -13.86 -10.55 -4.90
C TYR B 110 -14.48 -11.17 -3.67
N THR B 111 -13.80 -11.08 -2.58
CA THR B 111 -14.37 -11.69 -1.44
C THR B 111 -15.16 -10.84 -0.48
N SER B 112 -15.14 -9.54 -0.56
CA SER B 112 -15.93 -8.81 0.43
C SER B 112 -17.32 -8.38 0.00
N PHE B 113 -17.48 -7.08 -0.21
CA PHE B 113 -18.74 -6.48 -0.60
C PHE B 113 -19.43 -7.15 -1.83
N ILE B 114 -18.65 -7.44 -2.85
CA ILE B 114 -19.21 -8.05 -4.02
C ILE B 114 -19.92 -9.31 -3.64
N ARG B 115 -19.44 -9.95 -2.58
CA ARG B 115 -20.07 -11.15 -2.14
C ARG B 115 -21.08 -10.98 -1.02
N ASN B 116 -20.83 -10.04 -0.13
CA ASN B 116 -21.78 -9.85 0.96
C ASN B 116 -22.38 -8.48 1.06
N ASN B 117 -22.47 -7.80 -0.02
CA ASN B 117 -23.06 -6.47 -0.02
C ASN B 117 -22.61 -5.45 1.01
N THR B 118 -22.13 -5.86 2.19
CA THR B 118 -21.77 -4.80 3.09
C THR B 118 -20.48 -4.90 3.75
N LYS B 119 -19.54 -5.59 3.14
CA LYS B 119 -18.22 -5.75 3.76
C LYS B 119 -17.10 -4.93 3.09
N ASN B 120 -16.42 -4.08 3.89
CA ASN B 120 -15.35 -3.22 3.44
C ASN B 120 -15.79 -2.25 2.40
N ILE B 121 -17.06 -1.88 2.41
CA ILE B 121 -17.47 -0.92 1.42
C ILE B 121 -18.02 0.32 2.10
N VAL B 122 -17.79 1.49 1.54
CA VAL B 122 -18.29 2.68 2.17
C VAL B 122 -19.81 2.73 2.38
N TYR B 123 -20.58 2.22 1.42
CA TYR B 123 -22.04 2.21 1.54
C TYR B 123 -22.45 0.87 0.95
N PRO B 124 -23.61 0.33 1.30
CA PRO B 124 -24.08 -0.96 0.75
C PRO B 124 -23.93 -1.04 -0.75
N PHE B 125 -23.34 -2.13 -1.22
CA PHE B 125 -23.13 -2.36 -2.66
C PHE B 125 -24.35 -2.09 -3.49
N ASP B 126 -25.49 -2.47 -2.98
CA ASP B 126 -26.69 -2.26 -3.74
C ASP B 126 -27.06 -0.82 -4.08
N GLN B 127 -26.35 0.14 -3.46
CA GLN B 127 -26.60 1.55 -3.70
C GLN B 127 -25.83 2.20 -4.87
N TYR B 128 -24.79 1.51 -5.33
CA TYR B 128 -24.05 2.05 -6.42
C TYR B 128 -24.62 1.64 -7.74
N ILE B 129 -24.77 2.60 -8.65
CA ILE B 129 -25.29 2.29 -9.95
C ILE B 129 -24.15 2.25 -10.97
N ALA B 130 -22.91 2.51 -10.53
CA ALA B 130 -21.76 2.51 -11.40
C ALA B 130 -20.49 2.49 -10.68
N HIS B 131 -19.58 1.74 -11.21
CA HIS B 131 -18.29 1.62 -10.66
C HIS B 131 -17.33 1.93 -11.76
N TRP B 132 -16.73 3.06 -11.67
CA TRP B 132 -15.82 3.47 -12.66
C TRP B 132 -14.42 3.22 -12.23
N ILE B 133 -13.53 3.13 -13.20
CA ILE B 133 -12.10 2.90 -12.95
C ILE B 133 -11.27 3.93 -13.74
N ILE B 134 -10.50 4.73 -12.99
CA ILE B 134 -9.64 5.73 -13.59
C ILE B 134 -8.32 4.98 -13.71
N GLY B 135 -7.88 4.81 -14.91
CA GLY B 135 -6.65 4.09 -15.13
C GLY B 135 -5.53 4.98 -15.62
N TYR B 136 -4.39 4.75 -15.00
CA TYR B 136 -3.19 5.44 -15.29
C TYR B 136 -2.10 4.44 -15.72
N VAL B 137 -1.48 4.73 -16.88
CA VAL B 137 -0.41 3.90 -17.44
C VAL B 137 0.85 4.80 -17.62
N TYR B 138 1.94 4.51 -16.88
CA TYR B 138 3.14 5.34 -17.02
C TYR B 138 4.24 4.57 -17.76
N THR B 139 5.09 5.26 -18.51
CA THR B 139 6.12 4.54 -19.23
C THR B 139 7.42 4.44 -18.46
N ARG B 140 7.63 3.25 -17.86
CA ARG B 140 8.80 2.90 -17.03
C ARG B 140 10.16 3.12 -17.66
N VAL B 141 11.07 3.57 -16.85
CA VAL B 141 12.42 3.88 -17.25
C VAL B 141 13.41 3.22 -16.27
N ALA B 142 14.63 2.94 -16.76
CA ALA B 142 15.73 2.31 -16.01
C ALA B 142 15.63 2.45 -14.50
N THR B 143 16.08 1.41 -13.79
CA THR B 143 16.05 1.41 -12.34
C THR B 143 17.41 1.49 -11.70
N ARG B 144 18.34 2.21 -12.36
CA ARG B 144 19.74 2.45 -11.96
C ARG B 144 20.06 2.03 -10.54
N LYS B 145 20.25 3.02 -9.68
CA LYS B 145 20.55 2.78 -8.29
C LYS B 145 19.59 3.63 -7.47
N SER B 146 19.51 3.38 -6.17
CA SER B 146 18.60 4.19 -5.37
C SER B 146 19.14 5.59 -5.24
N SER B 147 19.44 6.17 -6.40
CA SER B 147 19.97 7.51 -6.54
C SER B 147 19.21 8.57 -5.79
N LEU B 148 19.06 8.39 -4.49
CA LEU B 148 18.34 9.36 -3.70
C LEU B 148 19.21 10.55 -3.39
N LYS B 149 20.24 10.69 -4.22
CA LYS B 149 21.23 11.75 -4.17
C LYS B 149 20.45 13.03 -4.03
N THR B 150 20.90 14.04 -3.34
CA THR B 150 20.04 15.18 -3.32
C THR B 150 20.37 16.18 -4.37
N TYR B 151 19.32 16.69 -4.92
CA TYR B 151 19.42 17.65 -5.96
C TYR B 151 18.82 18.95 -5.50
N ASN B 152 19.26 20.03 -6.07
CA ASN B 152 18.73 21.30 -5.70
C ASN B 152 17.85 21.88 -6.82
N ILE B 153 17.11 22.94 -6.50
CA ILE B 153 16.23 23.57 -7.50
C ILE B 153 16.86 23.92 -8.80
N ASN B 154 18.15 24.16 -8.80
CA ASN B 154 18.79 24.50 -10.04
C ASN B 154 19.18 23.29 -10.88
N GLU B 155 18.86 22.07 -10.36
CA GLU B 155 19.20 20.85 -11.08
C GLU B 155 18.04 19.99 -11.52
N LEU B 156 16.82 20.51 -11.47
CA LEU B 156 15.66 19.74 -11.87
C LEU B 156 15.84 18.93 -13.17
N ASN B 157 16.30 19.60 -14.26
CA ASN B 157 16.50 18.93 -15.55
C ASN B 157 17.56 17.82 -15.53
N GLU B 158 18.25 17.73 -14.41
CA GLU B 158 19.29 16.75 -14.22
C GLU B 158 18.77 15.56 -13.50
N ILE B 159 17.70 15.81 -12.77
CA ILE B 159 17.02 14.82 -12.01
C ILE B 159 16.45 13.81 -12.93
N PRO B 160 16.75 12.57 -12.63
CA PRO B 160 16.29 11.47 -13.41
C PRO B 160 14.86 11.16 -13.12
N LYS B 161 14.02 11.09 -14.13
CA LYS B 161 12.64 10.79 -13.90
C LYS B 161 12.35 9.33 -13.86
N PRO B 162 11.36 8.97 -13.09
CA PRO B 162 11.02 7.56 -13.00
C PRO B 162 10.31 7.13 -14.25
N TYR B 163 9.71 8.12 -14.90
CA TYR B 163 9.01 7.80 -16.08
C TYR B 163 8.87 8.88 -17.13
N LYS B 164 8.59 8.44 -18.33
CA LYS B 164 8.43 9.35 -19.43
C LYS B 164 7.16 9.01 -20.19
N GLY B 165 6.02 9.47 -19.71
CA GLY B 165 4.79 9.19 -20.40
C GLY B 165 3.71 8.76 -19.45
N VAL B 166 2.50 9.18 -19.70
CA VAL B 166 1.39 8.84 -18.88
C VAL B 166 0.08 8.90 -19.66
N LYS B 167 -0.65 7.80 -19.68
CA LYS B 167 -1.95 7.76 -20.39
C LYS B 167 -3.03 7.51 -19.33
N VAL B 168 -4.21 7.89 -19.62
CA VAL B 168 -5.24 7.70 -18.67
C VAL B 168 -6.48 7.44 -19.39
N PHE B 169 -7.41 6.81 -18.69
CA PHE B 169 -8.70 6.48 -19.28
C PHE B 169 -9.73 6.30 -18.22
N LEU B 170 -11.00 6.38 -18.56
CA LEU B 170 -12.03 6.19 -17.59
C LEU B 170 -12.93 5.07 -18.03
N GLN B 171 -13.09 3.97 -17.29
CA GLN B 171 -13.95 2.95 -17.82
C GLN B 171 -14.79 2.25 -16.79
N ASP B 172 -15.78 1.42 -17.21
CA ASP B 172 -16.63 0.67 -16.27
C ASP B 172 -15.88 -0.56 -15.74
N LYS B 173 -15.88 -0.79 -14.46
CA LYS B 173 -15.19 -1.94 -13.87
C LYS B 173 -15.42 -3.25 -14.58
N TRP B 174 -16.71 -3.58 -14.72
CA TRP B 174 -17.11 -4.80 -15.34
C TRP B 174 -16.67 -4.95 -16.74
N VAL B 175 -16.61 -3.88 -17.41
CA VAL B 175 -16.20 -3.99 -18.76
C VAL B 175 -14.74 -4.33 -18.98
N ILE B 176 -13.82 -4.03 -18.03
CA ILE B 176 -12.37 -4.33 -18.18
C ILE B 176 -11.84 -5.48 -17.28
N ALA B 177 -12.80 -6.12 -16.61
CA ALA B 177 -12.53 -7.22 -15.71
C ALA B 177 -12.13 -8.44 -16.50
N GLY B 178 -11.29 -9.31 -15.89
CA GLY B 178 -10.78 -10.56 -16.49
C GLY B 178 -11.32 -11.76 -15.70
N ASP B 179 -11.00 -12.95 -16.16
CA ASP B 179 -11.44 -14.18 -15.48
C ASP B 179 -10.38 -14.80 -14.58
N LEU B 180 -9.33 -14.09 -14.24
CA LEU B 180 -8.31 -14.68 -13.37
C LEU B 180 -7.98 -13.80 -12.20
N ALA B 181 -7.32 -14.35 -11.26
CA ALA B 181 -6.99 -13.51 -10.17
C ALA B 181 -5.73 -12.67 -10.39
N GLY B 182 -5.43 -11.81 -9.43
CA GLY B 182 -4.27 -10.91 -9.49
C GLY B 182 -2.86 -11.51 -9.16
N SER B 183 -1.87 -10.65 -9.39
CA SER B 183 -0.46 -10.95 -9.18
C SER B 183 -0.14 -11.63 -7.86
N GLY B 184 0.28 -10.84 -6.88
CA GLY B 184 0.63 -11.33 -5.56
C GLY B 184 -0.58 -11.38 -4.64
N ASN B 185 -1.36 -10.31 -4.69
CA ASN B 185 -2.56 -10.20 -3.88
C ASN B 185 -3.42 -11.43 -4.11
N THR B 186 -3.31 -11.93 -5.35
CA THR B 186 -4.02 -13.12 -5.86
C THR B 186 -5.50 -13.24 -5.53
N THR B 187 -5.93 -12.63 -4.42
CA THR B 187 -7.33 -12.66 -4.01
C THR B 187 -8.08 -11.44 -4.60
N ASN B 188 -7.47 -10.92 -5.66
CA ASN B 188 -7.92 -9.78 -6.34
C ASN B 188 -8.36 -10.02 -7.77
N ILE B 189 -9.26 -9.22 -8.22
CA ILE B 189 -9.69 -9.39 -9.55
C ILE B 189 -8.70 -8.76 -10.47
N GLY B 190 -8.25 -9.51 -11.47
CA GLY B 190 -7.33 -8.92 -12.38
C GLY B 190 -8.15 -8.40 -13.54
N SER B 191 -7.57 -7.51 -14.34
CA SER B 191 -8.27 -6.95 -15.49
C SER B 191 -7.96 -7.73 -16.76
N ILE B 192 -8.50 -7.30 -17.87
CA ILE B 192 -8.19 -8.03 -19.07
C ILE B 192 -6.69 -7.76 -19.31
N HIS B 193 -6.01 -8.53 -20.17
CA HIS B 193 -4.58 -8.31 -20.42
C HIS B 193 -4.48 -7.84 -21.81
N ALA B 194 -4.76 -6.58 -21.99
CA ALA B 194 -4.74 -6.01 -23.32
C ALA B 194 -3.99 -4.73 -23.48
N HIS B 195 -4.26 -4.17 -24.63
CA HIS B 195 -3.69 -2.96 -25.05
C HIS B 195 -4.50 -1.83 -24.52
N TYR B 196 -3.85 -0.73 -24.19
CA TYR B 196 -4.48 0.48 -23.68
C TYR B 196 -5.78 0.80 -24.35
N LYS B 197 -5.71 0.80 -25.67
CA LYS B 197 -6.86 1.11 -26.49
C LYS B 197 -8.07 0.28 -26.26
N ASP B 198 -7.84 -0.92 -25.87
CA ASP B 198 -8.90 -1.84 -25.60
C ASP B 198 -9.56 -1.46 -24.31
N PHE B 199 -8.83 -0.70 -23.51
CA PHE B 199 -9.37 -0.29 -22.25
C PHE B 199 -10.31 0.83 -22.54
N VAL B 200 -9.75 1.75 -23.27
CA VAL B 200 -10.49 2.87 -23.64
C VAL B 200 -11.71 2.43 -24.41
N GLU B 201 -11.54 1.49 -25.30
CA GLU B 201 -12.67 1.06 -26.07
C GLU B 201 -13.65 0.13 -25.43
N GLY B 202 -13.34 -0.35 -24.21
CA GLY B 202 -14.25 -1.26 -23.52
C GLY B 202 -14.45 -2.58 -24.25
N LYS B 203 -13.35 -3.22 -24.53
CA LYS B 203 -13.34 -4.47 -25.22
C LYS B 203 -12.87 -5.51 -24.26
N GLY B 204 -13.76 -6.04 -23.45
CA GLY B 204 -13.34 -7.06 -22.48
C GLY B 204 -13.87 -8.43 -22.81
N ILE B 205 -14.10 -9.26 -21.77
CA ILE B 205 -14.62 -10.63 -21.95
C ILE B 205 -15.98 -10.86 -21.35
N PHE B 206 -16.43 -10.06 -20.44
CA PHE B 206 -17.72 -10.39 -19.94
C PHE B 206 -18.78 -9.87 -20.89
N ASP B 207 -19.89 -10.62 -20.99
CA ASP B 207 -20.94 -10.19 -21.87
C ASP B 207 -21.69 -9.10 -21.27
N SER B 208 -21.80 -9.11 -19.96
CA SER B 208 -22.51 -8.06 -19.32
C SER B 208 -22.13 -7.99 -17.89
N GLU B 209 -22.52 -6.94 -17.22
CA GLU B 209 -22.22 -6.73 -15.82
C GLU B 209 -22.64 -7.87 -14.91
N ASP B 210 -23.79 -8.45 -15.20
CA ASP B 210 -24.34 -9.57 -14.44
C ASP B 210 -23.50 -10.80 -14.65
N GLU B 211 -22.99 -11.00 -15.86
CA GLU B 211 -22.18 -12.18 -16.05
C GLU B 211 -20.95 -12.04 -15.18
N PHE B 212 -20.51 -10.76 -15.06
CA PHE B 212 -19.33 -10.35 -14.27
C PHE B 212 -19.46 -10.58 -12.79
N LEU B 213 -20.63 -10.32 -12.21
CA LEU B 213 -20.77 -10.55 -10.78
C LEU B 213 -20.88 -12.01 -10.53
N ASP B 214 -21.70 -12.72 -11.32
CA ASP B 214 -21.89 -14.17 -11.20
C ASP B 214 -20.54 -14.89 -11.26
N TYR B 215 -19.72 -14.52 -12.20
CA TYR B 215 -18.43 -15.16 -12.29
C TYR B 215 -17.62 -14.92 -11.02
N TRP B 216 -17.53 -13.69 -10.60
CA TRP B 216 -16.79 -13.39 -9.43
C TRP B 216 -17.39 -13.82 -8.12
N ARG B 217 -18.70 -14.00 -8.07
CA ARG B 217 -19.28 -14.43 -6.81
C ARG B 217 -19.07 -15.92 -6.55
N ASN B 218 -19.17 -16.72 -7.64
CA ASN B 218 -19.01 -18.19 -7.57
C ASN B 218 -17.61 -18.70 -7.73
N TYR B 219 -16.66 -17.78 -7.79
CA TYR B 219 -15.27 -18.17 -7.93
C TYR B 219 -14.76 -18.84 -6.67
N GLU B 220 -14.03 -19.94 -6.87
CA GLU B 220 -13.48 -20.71 -5.74
C GLU B 220 -12.00 -20.40 -5.48
N ARG B 221 -11.65 -20.37 -4.19
CA ARG B 221 -10.31 -20.10 -3.77
C ARG B 221 -9.45 -21.32 -3.98
N THR B 222 -8.43 -21.16 -4.80
CA THR B 222 -7.55 -22.27 -5.07
C THR B 222 -6.09 -21.93 -4.84
N SER B 223 -5.47 -22.67 -3.94
CA SER B 223 -4.07 -22.46 -3.64
C SER B 223 -3.32 -22.86 -4.89
N GLN B 224 -4.07 -23.60 -5.71
CA GLN B 224 -3.70 -24.13 -6.99
C GLN B 224 -4.98 -24.50 -7.72
N LEU B 225 -5.10 -24.02 -8.97
CA LEU B 225 -6.25 -24.21 -9.86
C LEU B 225 -7.11 -25.45 -9.63
N ARG B 226 -6.66 -26.61 -10.15
CA ARG B 226 -7.39 -27.86 -10.03
C ARG B 226 -8.86 -27.68 -10.44
N ASN B 227 -9.60 -27.06 -9.54
CA ASN B 227 -11.01 -26.74 -9.70
C ASN B 227 -11.86 -27.75 -10.46
N ASP B 228 -12.94 -28.14 -9.80
CA ASP B 228 -13.92 -29.09 -10.32
C ASP B 228 -15.19 -28.31 -10.59
N LYS B 229 -14.97 -27.01 -10.72
CA LYS B 229 -15.96 -25.95 -10.99
C LYS B 229 -15.69 -25.23 -12.34
N TYR B 230 -14.85 -24.16 -12.28
CA TYR B 230 -14.44 -23.34 -13.43
C TYR B 230 -13.26 -22.43 -13.08
N ASN B 231 -12.29 -22.34 -14.01
CA ASN B 231 -11.08 -21.54 -13.87
C ASN B 231 -10.96 -20.37 -14.78
N ASN B 232 -11.91 -20.24 -15.72
CA ASN B 232 -11.88 -19.17 -16.66
C ASN B 232 -13.26 -19.02 -17.23
N ILE B 233 -13.44 -18.06 -18.20
CA ILE B 233 -14.75 -17.76 -18.87
C ILE B 233 -15.41 -18.92 -19.62
N SER B 234 -14.64 -19.67 -20.40
CA SER B 234 -15.21 -20.78 -21.10
C SER B 234 -15.77 -21.73 -20.09
N GLU B 235 -14.89 -22.25 -19.18
CA GLU B 235 -15.31 -23.17 -18.15
C GLU B 235 -16.55 -22.72 -17.41
N TYR B 236 -16.59 -21.41 -17.09
CA TYR B 236 -17.73 -20.86 -16.39
C TYR B 236 -18.99 -20.87 -17.24
N ARG B 237 -18.85 -20.45 -18.48
CA ARG B 237 -20.01 -20.45 -19.37
C ARG B 237 -20.63 -21.84 -19.44
N ASN B 238 -19.72 -22.87 -19.46
CA ASN B 238 -20.06 -24.25 -19.54
C ASN B 238 -20.72 -24.73 -18.32
N TRP B 239 -20.18 -24.31 -17.20
CA TRP B 239 -20.70 -24.67 -15.92
C TRP B 239 -22.19 -24.29 -15.81
N ILE B 240 -22.56 -23.07 -16.33
CA ILE B 240 -23.93 -22.60 -16.27
C ILE B 240 -24.84 -23.48 -17.05
N TYR B 241 -24.36 -23.97 -18.13
CA TYR B 241 -25.19 -24.82 -18.92
C TYR B 241 -25.30 -26.24 -18.37
N ARG B 242 -24.50 -26.49 -17.32
CA ARG B 242 -24.50 -27.78 -16.70
C ARG B 242 -25.19 -27.81 -15.39
N GLY B 243 -25.96 -26.78 -15.07
CA GLY B 243 -26.69 -26.76 -13.80
C GLY B 243 -26.07 -26.14 -12.53
N ARG B 244 -24.96 -25.47 -12.73
CA ARG B 244 -24.30 -24.83 -11.64
C ARG B 244 -24.11 -25.74 -10.49
N LYS B 245 -23.72 -26.95 -10.83
CA LYS B 245 -23.47 -27.91 -9.82
C LYS B 245 -22.32 -27.29 -9.09
#